data_2QKB
#
_entry.id   2QKB
#
_cell.length_a   109.991
_cell.length_b   109.991
_cell.length_c   67.253
_cell.angle_alpha   90.00
_cell.angle_beta   90.00
_cell.angle_gamma   120.00
#
_symmetry.space_group_name_H-M   'P 32 2 1'
#
loop_
_entity.id
_entity.type
_entity.pdbx_description
1 polymer "5'-R(*GP*GP*AP*GP*UP*GP*CP*GP*AP*CP*AP*CP*CP*UP*GP*AP*UP*UP*CP*C)-3')"
2 polymer "5'-D(*DGP*DGP*DAP*DAP*DTP*DCP*DAP*DGP*DGP*DTP*DGP*DTP*DCP*DGP*DCP*DAP*DCP*DTP*DCP*DT)-3'"
3 polymer 'Ribonuclease H1'
4 non-polymer 'SULFATE ION'
5 non-polymer 1,2-ETHANEDIOL
6 water water
#
loop_
_entity_poly.entity_id
_entity_poly.type
_entity_poly.pdbx_seq_one_letter_code
_entity_poly.pdbx_strand_id
1 'polyribonucleotide' (DG)GAGUGCGACACCUGAUUCC C
2 'polydeoxyribonucleotide' (DG)(DG)(DA)(DA)(DT)(DC)(DA)(DG)(DG)(DT)(DG)(DT)(DC)(DG)(DC)(DA)(DC)(DT)(DC)(DT) D
3 'polypeptide(L)'
;GSH(MSE)GDFVVVYTDGCCSSNGRRRPRAGIGVYWGPGHPLNVGIRLPGRQTNQRAEIHAACKAIEQAKTQNINKLVLY
TNS(MSE)FTINGITNWVQGWKKNGWKTSAGKEVINKEDFVALERLTQG(MSE)DIQW(MSE)HVPGHSGFIGNEEADRL
AREGAKQSED
;
A,B
#
# COMPACT_ATOMS: atom_id res chain seq x y z
N GLY C 1 -25.34 -14.55 -5.74
CA GLY C 1 -25.71 -14.01 -7.12
C GLY C 1 -26.18 -12.55 -7.13
N SER C 2 -25.53 -11.73 -7.94
CA SER C 2 -25.86 -10.30 -8.01
C SER C 2 -26.23 -9.70 -9.35
N HIS C 3 -27.11 -8.72 -9.35
CA HIS C 3 -27.46 -8.12 -10.63
C HIS C 3 -27.76 -6.62 -10.60
N GLY C 5 -30.12 -4.38 -12.93
CA GLY C 5 -31.06 -4.38 -14.03
C GLY C 5 -31.05 -5.78 -14.63
N ASP C 6 -30.77 -5.91 -15.92
CA ASP C 6 -30.73 -7.23 -16.52
C ASP C 6 -29.30 -7.74 -16.66
N PHE C 7 -28.35 -7.04 -16.07
CA PHE C 7 -26.97 -7.49 -16.17
C PHE C 7 -26.51 -8.14 -14.88
N VAL C 8 -25.96 -9.35 -14.98
CA VAL C 8 -25.45 -10.01 -13.78
C VAL C 8 -24.05 -9.48 -13.56
N VAL C 9 -23.74 -9.13 -12.33
CA VAL C 9 -22.45 -8.56 -11.97
C VAL C 9 -21.37 -9.60 -11.69
N VAL C 10 -20.18 -9.42 -12.25
CA VAL C 10 -19.10 -10.36 -11.94
C VAL C 10 -17.78 -9.63 -11.69
N TYR C 11 -16.96 -10.21 -10.81
CA TYR C 11 -15.64 -9.64 -10.49
C TYR C 11 -14.53 -10.59 -10.93
N THR C 12 -13.48 -10.03 -11.53
CA THR C 12 -12.36 -10.82 -11.95
C THR C 12 -11.06 -10.15 -11.49
N ASP C 13 -9.99 -10.92 -11.41
CA ASP C 13 -8.74 -10.37 -11.02
C ASP C 13 -7.65 -11.34 -11.31
N GLY C 14 -6.49 -10.78 -11.62
CA GLY C 14 -5.39 -11.66 -11.82
C GLY C 14 -4.34 -11.25 -10.83
N CYS C 15 -3.37 -12.12 -10.61
CA CYS C 15 -2.27 -11.78 -9.72
C CYS C 15 -1.05 -12.52 -10.22
N CYS C 16 0.08 -12.21 -9.63
CA CYS C 16 1.30 -12.85 -10.04
C CYS C 16 2.42 -12.55 -9.05
N SER C 17 2.79 -13.55 -8.25
CA SER C 17 3.88 -13.36 -7.31
C SER C 17 5.15 -13.33 -8.12
N SER C 18 6.07 -12.49 -7.71
CA SER C 18 7.33 -12.34 -8.37
C SER C 18 7.18 -11.87 -9.80
N ASN C 19 6.26 -10.93 -10.04
CA ASN C 19 6.06 -10.42 -11.39
C ASN C 19 7.32 -9.69 -11.86
N GLY C 20 7.93 -10.17 -12.94
CA GLY C 20 9.13 -9.54 -13.44
C GLY C 20 10.38 -9.98 -12.68
N ARG C 21 10.29 -11.09 -11.95
CA ARG C 21 11.41 -11.65 -11.19
C ARG C 21 11.84 -12.96 -11.83
N ARG C 22 12.45 -13.83 -11.04
CA ARG C 22 12.93 -15.10 -11.57
C ARG C 22 11.94 -16.25 -11.55
N ARG C 23 11.02 -16.27 -10.61
CA ARG C 23 10.06 -17.36 -10.59
C ARG C 23 8.64 -16.85 -10.49
N PRO C 24 8.07 -16.36 -11.61
CA PRO C 24 6.70 -15.85 -11.55
C PRO C 24 5.62 -16.94 -11.39
N ARG C 25 4.61 -16.63 -10.59
CA ARG C 25 3.47 -17.53 -10.39
C ARG C 25 2.24 -16.64 -10.61
N ALA C 26 1.50 -16.90 -11.69
CA ALA C 26 0.32 -16.11 -12.01
C ALA C 26 -0.97 -16.88 -11.83
N GLY C 27 -1.99 -16.20 -11.31
CA GLY C 27 -3.28 -16.84 -11.13
C GLY C 27 -4.46 -15.99 -11.55
N ILE C 28 -5.58 -16.65 -11.83
CA ILE C 28 -6.83 -15.97 -12.21
C ILE C 28 -7.92 -16.18 -11.13
N GLY C 29 -8.85 -15.24 -11.04
CA GLY C 29 -9.89 -15.40 -10.06
C GLY C 29 -11.15 -14.69 -10.47
N VAL C 30 -12.27 -15.39 -10.37
CA VAL C 30 -13.54 -14.78 -10.67
C VAL C 30 -14.52 -15.09 -9.53
N TYR C 31 -15.16 -14.02 -9.08
CA TYR C 31 -16.07 -14.04 -7.96
C TYR C 31 -17.40 -13.57 -8.44
N TRP C 32 -18.41 -14.42 -8.24
CA TRP C 32 -19.78 -14.13 -8.66
C TRP C 32 -20.69 -13.81 -7.47
N GLY C 33 -20.23 -14.23 -6.29
CA GLY C 33 -20.94 -13.98 -5.03
C GLY C 33 -20.46 -14.92 -3.95
N PRO C 34 -20.95 -14.75 -2.72
CA PRO C 34 -20.55 -15.62 -1.60
C PRO C 34 -21.02 -17.06 -1.87
N GLY C 35 -20.11 -18.01 -1.78
CA GLY C 35 -20.47 -19.40 -1.99
C GLY C 35 -21.06 -19.67 -3.37
N HIS C 36 -20.79 -18.79 -4.32
CA HIS C 36 -21.34 -18.99 -5.61
C HIS C 36 -20.71 -20.23 -6.25
N PRO C 37 -21.54 -21.09 -6.90
CA PRO C 37 -21.01 -22.30 -7.53
C PRO C 37 -19.97 -21.97 -8.61
N LEU C 38 -20.10 -20.80 -9.24
CA LEU C 38 -19.17 -20.35 -10.28
C LEU C 38 -17.84 -19.69 -9.89
N ASN C 39 -17.57 -19.46 -8.61
CA ASN C 39 -16.33 -18.78 -8.22
C ASN C 39 -15.16 -19.65 -8.54
N VAL C 40 -14.10 -19.10 -9.12
CA VAL C 40 -12.96 -19.97 -9.39
C VAL C 40 -11.66 -19.27 -9.13
N GLY C 41 -10.66 -20.06 -8.80
CA GLY C 41 -9.37 -19.47 -8.54
C GLY C 41 -8.42 -20.52 -9.03
N ILE C 42 -7.85 -20.32 -10.20
CA ILE C 42 -6.95 -21.30 -10.76
C ILE C 42 -5.61 -20.72 -11.28
N ARG C 43 -4.65 -21.61 -11.57
CA ARG C 43 -3.34 -21.24 -12.07
C ARG C 43 -3.41 -20.88 -13.55
N LEU C 44 -2.79 -19.77 -13.90
CA LEU C 44 -2.77 -19.31 -15.27
C LEU C 44 -1.80 -20.10 -16.16
N PRO C 45 -2.30 -20.82 -17.19
CA PRO C 45 -1.36 -21.57 -18.04
C PRO C 45 -0.61 -20.57 -18.92
N GLY C 46 0.62 -20.92 -19.33
CA GLY C 46 1.41 -20.06 -20.21
C GLY C 46 2.39 -19.12 -19.52
N ARG C 47 2.77 -18.06 -20.25
CA ARG C 47 3.69 -17.03 -19.76
C ARG C 47 3.10 -16.41 -18.50
N GLN C 48 3.86 -16.43 -17.41
CA GLN C 48 3.39 -15.88 -16.16
C GLN C 48 3.63 -14.34 -15.96
N THR C 49 2.58 -13.54 -16.07
CA THR C 49 2.68 -12.10 -15.83
C THR C 49 1.35 -11.58 -15.34
N ASN C 50 1.41 -10.44 -14.69
CA ASN C 50 0.19 -9.83 -14.19
C ASN C 50 -0.81 -9.56 -15.37
N GLN C 51 -0.30 -8.93 -16.44
CA GLN C 51 -1.10 -8.57 -17.60
C GLN C 51 -1.93 -9.73 -18.15
N ARG C 52 -1.30 -10.88 -18.38
CA ARG C 52 -2.06 -12.02 -18.87
C ARG C 52 -3.08 -12.54 -17.84
N ALA C 53 -2.71 -12.55 -16.56
CA ALA C 53 -3.65 -13.06 -15.57
C ALA C 53 -4.90 -12.16 -15.55
N GLU C 54 -4.67 -10.86 -15.69
CA GLU C 54 -5.77 -9.93 -15.64
C GLU C 54 -6.63 -10.13 -16.87
N ILE C 55 -6.03 -10.28 -18.05
CA ILE C 55 -6.82 -10.50 -19.26
C ILE C 55 -7.49 -11.88 -19.20
N HIS C 56 -6.74 -12.91 -18.87
CA HIS C 56 -7.29 -14.24 -18.79
C HIS C 56 -8.31 -14.53 -17.68
N ALA C 57 -8.25 -13.76 -16.61
CA ALA C 57 -9.24 -13.96 -15.58
C ALA C 57 -10.55 -13.39 -16.17
N ALA C 58 -10.45 -12.35 -17.00
CA ALA C 58 -11.65 -11.77 -17.58
C ALA C 58 -12.19 -12.73 -18.65
N CYS C 59 -11.29 -13.42 -19.34
CA CYS C 59 -11.78 -14.38 -20.34
C CYS C 59 -12.63 -15.46 -19.65
N LYS C 60 -12.07 -16.05 -18.59
CA LYS C 60 -12.74 -17.12 -17.86
C LYS C 60 -14.16 -16.78 -17.48
N ALA C 61 -14.34 -15.59 -16.90
CA ALA C 61 -15.65 -15.13 -16.47
C ALA C 61 -16.64 -15.12 -17.64
N ILE C 62 -16.19 -14.68 -18.82
CA ILE C 62 -17.07 -14.64 -19.97
C ILE C 62 -17.44 -16.05 -20.41
N GLU C 63 -16.47 -16.97 -20.46
CA GLU C 63 -16.76 -18.35 -20.86
C GLU C 63 -17.83 -18.89 -19.95
N GLN C 64 -17.58 -18.78 -18.65
CA GLN C 64 -18.53 -19.25 -17.66
C GLN C 64 -19.91 -18.71 -17.95
N ALA C 65 -19.98 -17.41 -18.24
CA ALA C 65 -21.24 -16.73 -18.51
C ALA C 65 -21.99 -17.34 -19.66
N LYS C 66 -21.32 -17.51 -20.79
CA LYS C 66 -21.93 -18.12 -21.96
C LYS C 66 -22.50 -19.45 -21.49
N THR C 67 -21.73 -20.16 -20.67
CA THR C 67 -22.12 -21.44 -20.08
C THR C 67 -23.45 -21.35 -19.36
N GLN C 68 -23.80 -20.18 -18.86
CA GLN C 68 -25.07 -19.96 -18.15
C GLN C 68 -26.06 -19.21 -19.02
N ASN C 69 -25.77 -19.15 -20.31
CA ASN C 69 -26.64 -18.44 -21.22
C ASN C 69 -26.81 -17.00 -20.74
N ILE C 70 -25.73 -16.37 -20.33
CA ILE C 70 -25.81 -14.98 -19.91
C ILE C 70 -25.25 -14.18 -21.06
N ASN C 71 -25.90 -13.08 -21.40
CA ASN C 71 -25.46 -12.26 -22.52
C ASN C 71 -25.25 -10.80 -22.11
N LYS C 72 -25.76 -10.45 -20.94
CA LYS C 72 -25.63 -9.09 -20.39
C LYS C 72 -24.80 -9.23 -19.11
N LEU C 73 -23.75 -8.42 -19.03
CA LEU C 73 -22.79 -8.57 -17.95
C LEU C 73 -22.07 -7.30 -17.51
N VAL C 74 -21.94 -7.09 -16.22
CA VAL C 74 -21.16 -5.96 -15.75
C VAL C 74 -19.91 -6.61 -15.14
N LEU C 75 -18.79 -6.48 -15.85
CA LEU C 75 -17.53 -7.07 -15.42
C LEU C 75 -16.63 -6.05 -14.74
N TYR C 76 -16.37 -6.29 -13.46
CA TYR C 76 -15.53 -5.40 -12.65
C TYR C 76 -14.14 -5.96 -12.52
N THR C 77 -13.15 -5.17 -12.95
CA THR C 77 -11.75 -5.58 -12.81
C THR C 77 -10.93 -4.36 -12.46
N ASN C 78 -9.82 -4.55 -11.77
CA ASN C 78 -9.01 -3.41 -11.40
C ASN C 78 -7.94 -3.16 -12.43
N SER C 79 -8.07 -3.80 -13.58
CA SER C 79 -7.08 -3.71 -14.66
C SER C 79 -7.45 -2.77 -15.82
N PHE C 81 -5.56 -1.78 -18.06
CA PHE C 81 -4.92 -2.34 -19.24
C PHE C 81 -5.90 -3.26 -19.98
N THR C 82 -6.51 -4.15 -19.24
CA THR C 82 -7.47 -5.05 -19.82
C THR C 82 -8.61 -4.26 -20.42
N ILE C 83 -9.18 -3.36 -19.64
CA ILE C 83 -10.30 -2.55 -20.08
C ILE C 83 -9.99 -1.74 -21.32
N ASN C 84 -9.01 -0.83 -21.21
CA ASN C 84 -8.58 -0.01 -22.33
C ASN C 84 -8.29 -0.90 -23.55
N GLY C 85 -7.59 -2.00 -23.33
CA GLY C 85 -7.30 -2.87 -24.42
C GLY C 85 -8.57 -3.35 -25.12
N ILE C 86 -9.49 -3.96 -24.39
CA ILE C 86 -10.63 -4.48 -25.08
C ILE C 86 -11.65 -3.45 -25.55
N THR C 87 -11.74 -2.31 -24.88
CA THR C 87 -12.74 -1.35 -25.31
C THR C 87 -12.27 -0.20 -26.19
N ASN C 88 -10.95 -0.05 -26.38
CA ASN C 88 -10.37 1.01 -27.24
C ASN C 88 -9.35 0.38 -28.17
N TRP C 89 -8.14 0.27 -27.66
CA TRP C 89 -6.97 -0.25 -28.35
C TRP C 89 -7.04 -1.33 -29.41
N VAL C 90 -7.75 -2.43 -29.17
CA VAL C 90 -7.85 -3.53 -30.11
C VAL C 90 -8.40 -3.11 -31.44
N GLN C 91 -9.27 -2.11 -31.42
CA GLN C 91 -9.91 -1.60 -32.63
C GLN C 91 -8.82 -1.07 -33.56
N GLY C 92 -7.99 -0.21 -33.01
CA GLY C 92 -6.89 0.36 -33.77
C GLY C 92 -5.82 -0.68 -34.06
N TRP C 93 -5.56 -1.55 -33.11
CA TRP C 93 -4.54 -2.55 -33.37
C TRP C 93 -4.85 -3.46 -34.56
N LYS C 94 -6.13 -3.58 -34.88
CA LYS C 94 -6.59 -4.44 -35.95
C LYS C 94 -6.40 -3.78 -37.31
N LYS C 95 -6.33 -2.46 -37.30
CA LYS C 95 -6.13 -1.67 -38.51
C LYS C 95 -4.72 -1.11 -38.50
N ASN C 96 -3.71 -1.95 -38.24
CA ASN C 96 -2.33 -1.48 -38.20
C ASN C 96 -1.33 -2.60 -37.90
N GLY C 97 -1.76 -3.82 -38.16
CA GLY C 97 -0.88 -4.96 -37.93
C GLY C 97 -0.48 -5.16 -36.48
N TRP C 98 -1.38 -4.86 -35.56
CA TRP C 98 -1.08 -5.04 -34.14
C TRP C 98 0.21 -4.36 -33.75
N LYS C 99 0.25 -3.05 -33.90
CA LYS C 99 1.46 -2.34 -33.57
C LYS C 99 1.32 -1.27 -32.50
N THR C 100 2.25 -1.31 -31.57
CA THR C 100 2.28 -0.37 -30.48
C THR C 100 2.42 1.05 -31.00
N SER C 101 2.26 2.04 -30.12
CA SER C 101 2.39 3.43 -30.54
C SER C 101 3.87 3.72 -30.79
N ALA C 102 4.70 2.76 -30.44
CA ALA C 102 6.13 2.88 -30.62
C ALA C 102 6.55 1.92 -31.74
N GLY C 103 5.75 1.90 -32.81
CA GLY C 103 6.04 1.06 -33.96
C GLY C 103 6.33 -0.42 -33.76
N LYS C 104 6.41 -0.89 -32.51
CA LYS C 104 6.66 -2.31 -32.27
C LYS C 104 5.38 -3.13 -32.09
N GLU C 105 5.54 -4.44 -31.87
CA GLU C 105 4.35 -5.27 -31.74
C GLU C 105 3.74 -5.50 -30.37
N VAL C 106 2.44 -5.26 -30.33
CA VAL C 106 1.63 -5.44 -29.14
C VAL C 106 1.93 -6.82 -28.58
N ILE C 107 2.50 -6.82 -27.39
CA ILE C 107 2.89 -8.03 -26.70
C ILE C 107 1.80 -9.03 -26.31
N ASN C 108 0.61 -8.56 -25.98
CA ASN C 108 -0.41 -9.51 -25.57
C ASN C 108 -1.46 -9.79 -26.66
N LYS C 109 -1.07 -9.65 -27.93
CA LYS C 109 -2.02 -9.86 -29.02
C LYS C 109 -2.85 -11.14 -28.87
N GLU C 110 -2.19 -12.26 -28.58
CA GLU C 110 -2.93 -13.50 -28.42
C GLU C 110 -3.89 -13.49 -27.26
N ASP C 111 -3.59 -12.69 -26.24
CA ASP C 111 -4.45 -12.61 -25.07
C ASP C 111 -5.66 -11.74 -25.43
N PHE C 112 -5.42 -10.68 -26.18
CA PHE C 112 -6.52 -9.82 -26.55
C PHE C 112 -7.35 -10.40 -27.68
N VAL C 113 -6.72 -11.19 -28.55
CA VAL C 113 -7.46 -11.85 -29.65
C VAL C 113 -8.40 -12.91 -29.04
N ALA C 114 -7.87 -13.64 -28.06
CA ALA C 114 -8.68 -14.63 -27.37
C ALA C 114 -9.80 -13.93 -26.65
N LEU C 115 -9.52 -12.76 -26.10
CA LEU C 115 -10.56 -12.06 -25.36
C LEU C 115 -11.60 -11.55 -26.31
N GLU C 116 -11.19 -10.79 -27.32
CA GLU C 116 -12.18 -10.27 -28.23
C GLU C 116 -13.00 -11.40 -28.76
N ARG C 117 -12.39 -12.54 -29.08
CA ARG C 117 -13.23 -13.61 -29.60
C ARG C 117 -14.39 -13.92 -28.61
N LEU C 118 -14.07 -14.09 -27.32
CA LEU C 118 -15.11 -14.34 -26.32
C LEU C 118 -16.20 -13.26 -26.32
N THR C 119 -15.83 -11.98 -26.40
CA THR C 119 -16.85 -10.94 -26.40
C THR C 119 -17.91 -10.97 -27.54
N GLN C 120 -17.73 -11.80 -28.57
CA GLN C 120 -18.76 -11.85 -29.64
C GLN C 120 -20.07 -12.35 -29.00
N GLY C 121 -21.16 -11.64 -29.23
CA GLY C 121 -22.43 -12.04 -28.64
C GLY C 121 -22.59 -11.71 -27.15
N ASP C 123 -23.23 -8.32 -24.42
CA ASP C 123 -23.39 -6.91 -24.07
C ASP C 123 -22.66 -6.87 -22.69
N ILE C 124 -21.43 -6.35 -22.65
CA ILE C 124 -20.65 -6.30 -21.41
C ILE C 124 -20.27 -4.89 -21.10
N GLN C 125 -20.48 -4.50 -19.85
CA GLN C 125 -20.10 -3.19 -19.38
C GLN C 125 -18.78 -3.34 -18.60
N TRP C 126 -17.67 -2.90 -19.21
CA TRP C 126 -16.38 -2.99 -18.54
C TRP C 126 -16.18 -1.84 -17.59
N HIS C 128 -14.16 -0.39 -14.14
CA HIS C 128 -12.97 -0.46 -13.35
C HIS C 128 -13.27 -0.43 -11.87
N VAL C 129 -12.69 -1.36 -11.13
CA VAL C 129 -12.83 -1.40 -9.67
C VAL C 129 -11.44 -1.04 -9.16
N PRO C 130 -11.34 -0.05 -8.24
CA PRO C 130 -10.03 0.35 -7.69
C PRO C 130 -9.60 -0.78 -6.79
N GLY C 131 -8.37 -1.26 -6.96
CA GLY C 131 -7.92 -2.37 -6.13
C GLY C 131 -7.56 -1.94 -4.72
N HIS C 132 -7.75 -2.87 -3.77
CA HIS C 132 -7.41 -2.62 -2.36
C HIS C 132 -8.10 -1.38 -1.78
N SER C 133 -9.41 -1.30 -1.96
CA SER C 133 -10.20 -0.16 -1.47
C SER C 133 -11.59 -0.56 -0.91
N GLY C 134 -11.66 -1.72 -0.25
CA GLY C 134 -12.92 -2.15 0.34
C GLY C 134 -14.04 -2.70 -0.52
N PHE C 135 -13.77 -3.14 -1.73
CA PHE C 135 -14.85 -3.70 -2.53
C PHE C 135 -14.74 -5.21 -2.34
N ILE C 136 -15.64 -5.75 -1.55
CA ILE C 136 -15.64 -7.17 -1.26
C ILE C 136 -15.36 -7.99 -2.52
N GLY C 137 -16.08 -7.66 -3.59
CA GLY C 137 -16.01 -8.35 -4.88
C GLY C 137 -14.59 -8.45 -5.37
N ASN C 138 -13.93 -7.30 -5.42
CA ASN C 138 -12.57 -7.28 -5.87
C ASN C 138 -11.61 -7.95 -4.86
N GLU C 139 -11.84 -7.82 -3.57
CA GLU C 139 -10.90 -8.49 -2.65
C GLU C 139 -11.01 -9.99 -2.86
N GLU C 140 -12.24 -10.46 -2.90
CA GLU C 140 -12.45 -11.87 -3.10
C GLU C 140 -11.88 -12.41 -4.40
N ALA C 141 -12.04 -11.66 -5.49
CA ALA C 141 -11.49 -12.14 -6.72
C ALA C 141 -9.96 -12.18 -6.59
N ASP C 142 -9.42 -11.23 -5.84
CA ASP C 142 -7.98 -11.23 -5.63
C ASP C 142 -7.63 -12.42 -4.71
N ARG C 143 -8.47 -12.66 -3.71
CA ARG C 143 -8.24 -13.79 -2.82
C ARG C 143 -8.21 -15.07 -3.68
N LEU C 144 -9.18 -15.20 -4.58
CA LEU C 144 -9.28 -16.37 -5.45
C LEU C 144 -8.10 -16.55 -6.41
N ALA C 145 -7.53 -15.45 -6.88
CA ALA C 145 -6.42 -15.55 -7.81
C ALA C 145 -5.17 -15.90 -7.04
N ARG C 146 -5.04 -15.37 -5.84
CA ARG C 146 -3.86 -15.68 -5.09
C ARG C 146 -3.78 -17.16 -4.80
N GLU C 147 -4.95 -17.74 -4.51
CA GLU C 147 -5.08 -19.16 -4.21
C GLU C 147 -4.77 -19.97 -5.46
N GLY C 148 -5.20 -19.46 -6.61
CA GLY C 148 -4.97 -20.16 -7.85
C GLY C 148 -3.53 -20.12 -8.32
N ALA C 149 -2.81 -19.07 -7.92
CA ALA C 149 -1.42 -18.89 -8.29
C ALA C 149 -0.59 -19.77 -7.36
N LYS C 150 -1.23 -20.25 -6.31
CA LYS C 150 -0.59 -21.12 -5.33
C LYS C 150 -0.77 -22.57 -5.83
N GLN C 151 -0.98 -22.74 -7.13
CA GLN C 151 -1.25 -24.06 -7.70
C GLN C 151 -0.37 -24.58 -8.86
N SER C 152 -0.85 -25.65 -9.51
CA SER C 152 -0.25 -26.40 -10.64
C SER C 152 1.11 -25.93 -11.21
N SER D 2 22.46 10.65 30.66
CA SER D 2 22.55 10.11 29.26
C SER D 2 23.18 11.12 28.27
N HIS D 3 24.48 10.93 28.01
CA HIS D 3 25.28 11.76 27.10
C HIS D 3 26.35 10.92 26.36
N GLY D 5 29.32 12.01 24.93
CA GLY D 5 30.26 13.12 24.75
C GLY D 5 29.60 14.46 25.09
N ASP D 6 29.62 15.41 24.15
CA ASP D 6 28.94 16.70 24.33
C ASP D 6 27.51 16.52 23.81
N PHE D 7 27.33 15.48 22.99
CA PHE D 7 26.04 15.08 22.41
C PHE D 7 25.19 14.58 23.58
N VAL D 8 23.97 15.10 23.79
CA VAL D 8 23.18 14.50 24.87
C VAL D 8 22.18 13.47 24.27
N VAL D 9 21.94 12.42 25.03
CA VAL D 9 21.08 11.33 24.61
C VAL D 9 19.61 11.40 24.97
N VAL D 10 18.75 11.08 24.00
CA VAL D 10 17.34 11.08 24.25
C VAL D 10 16.61 9.91 23.56
N TYR D 11 15.56 9.41 24.22
CA TYR D 11 14.75 8.28 23.69
C TYR D 11 13.35 8.76 23.34
N THR D 12 12.85 8.36 22.17
CA THR D 12 11.53 8.77 21.77
C THR D 12 10.76 7.56 21.30
N ASP D 13 9.45 7.64 21.35
CA ASP D 13 8.62 6.50 20.92
C ASP D 13 7.20 6.96 20.78
N GLY D 14 6.48 6.30 19.88
CA GLY D 14 5.08 6.56 19.69
C GLY D 14 4.35 5.23 19.88
N CYS D 15 3.01 5.28 19.86
CA CYS D 15 2.16 4.08 19.94
C CYS D 15 0.79 4.48 19.47
N CYS D 16 0.01 3.50 19.07
CA CYS D 16 -1.32 3.78 18.59
C CYS D 16 -1.98 2.43 18.50
N SER D 17 -2.93 2.15 19.37
CA SER D 17 -3.60 0.87 19.30
C SER D 17 -4.90 1.08 18.56
N SER D 18 -5.29 0.03 17.83
CA SER D 18 -6.48 0.01 16.97
C SER D 18 -6.00 0.41 15.58
N ASN D 19 -4.77 0.96 15.50
CA ASN D 19 -4.14 1.41 14.25
C ASN D 19 -4.76 0.86 12.96
N ARG D 21 -8.86 1.37 13.58
CA ARG D 21 -10.16 0.94 13.11
C ARG D 21 -11.32 1.58 13.89
N ARG D 22 -11.28 1.50 15.22
CA ARG D 22 -12.35 2.10 16.00
C ARG D 22 -12.01 3.49 16.53
N ARG D 23 -11.13 3.56 17.52
CA ARG D 23 -10.76 4.84 18.12
C ARG D 23 -9.27 5.06 18.07
N PRO D 24 -8.63 4.70 16.95
CA PRO D 24 -7.17 4.92 16.94
C PRO D 24 -6.72 5.97 17.94
N ARG D 25 -6.10 5.52 19.03
CA ARG D 25 -5.59 6.42 20.06
C ARG D 25 -4.09 6.47 19.92
N ALA D 26 -3.52 7.66 19.80
CA ALA D 26 -2.08 7.77 19.63
C ALA D 26 -1.32 8.47 20.78
N GLY D 27 -0.22 7.84 21.20
CA GLY D 27 0.63 8.35 22.27
C GLY D 27 2.05 8.71 21.89
N ILE D 28 2.60 9.69 22.62
CA ILE D 28 3.96 10.21 22.41
C ILE D 28 4.72 10.29 23.70
N GLY D 29 5.93 9.74 23.69
CA GLY D 29 6.75 9.73 24.89
C GLY D 29 8.21 10.04 24.62
N VAL D 30 8.81 10.87 25.48
CA VAL D 30 10.21 11.21 25.33
C VAL D 30 10.83 11.15 26.70
N TYR D 31 11.91 10.36 26.77
CA TYR D 31 12.65 10.09 27.98
C TYR D 31 14.12 10.55 27.89
N TRP D 32 14.55 11.32 28.90
CA TRP D 32 15.90 11.88 29.00
C TRP D 32 16.72 11.18 30.09
N GLY D 33 16.05 10.43 30.96
CA GLY D 33 16.75 9.74 32.04
C GLY D 33 15.98 9.83 33.35
N PRO D 34 16.43 9.07 34.36
CA PRO D 34 15.86 8.97 35.71
C PRO D 34 15.48 10.31 36.32
N GLY D 35 14.18 10.49 36.57
CA GLY D 35 13.69 11.73 37.16
C GLY D 35 14.14 13.00 36.47
N HIS D 36 13.89 13.13 35.16
CA HIS D 36 14.27 14.33 34.42
C HIS D 36 12.98 15.09 34.23
N PRO D 37 13.01 16.40 34.46
CA PRO D 37 11.88 17.33 34.34
C PRO D 37 11.22 17.42 32.96
N LEU D 38 11.93 16.96 31.94
CA LEU D 38 11.36 17.02 30.61
C LEU D 38 10.79 15.66 30.16
N ASN D 39 10.92 14.61 30.97
CA ASN D 39 10.35 13.32 30.57
C ASN D 39 8.85 13.54 30.45
N VAL D 40 8.29 13.29 29.28
CA VAL D 40 6.86 13.46 29.08
C VAL D 40 6.19 12.39 28.23
N GLY D 41 4.92 12.14 28.55
CA GLY D 41 4.09 11.20 27.80
C GLY D 41 2.90 12.08 27.47
N ILE D 42 2.54 12.25 26.20
CA ILE D 42 1.41 13.13 25.89
C ILE D 42 0.58 12.65 24.73
N ARG D 43 -0.58 13.26 24.54
CA ARG D 43 -1.48 12.82 23.48
C ARG D 43 -1.11 13.34 22.10
N LEU D 44 -1.10 12.43 21.14
CA LEU D 44 -0.81 12.85 19.80
C LEU D 44 -1.99 13.61 19.21
N PRO D 45 -1.77 14.87 18.85
CA PRO D 45 -2.78 15.74 18.26
C PRO D 45 -2.95 15.35 16.81
N GLY D 46 -4.19 15.49 16.33
CA GLY D 46 -4.49 15.19 14.95
C GLY D 46 -4.76 13.72 14.66
N ARG D 47 -4.73 13.42 13.38
CA ARG D 47 -4.96 12.10 12.84
C ARG D 47 -4.11 11.08 13.55
N GLN D 48 -4.75 10.08 14.14
CA GLN D 48 -4.01 9.07 14.86
C GLN D 48 -3.49 7.89 14.05
N THR D 49 -2.16 7.77 13.93
CA THR D 49 -1.47 6.65 13.26
C THR D 49 -0.19 6.38 14.03
N ASN D 50 0.45 5.26 13.71
CA ASN D 50 1.69 4.93 14.35
C ASN D 50 2.83 5.81 13.81
N GLN D 51 2.88 6.03 12.50
CA GLN D 51 3.91 6.84 11.89
C GLN D 51 3.85 8.28 12.39
N ARG D 52 2.65 8.82 12.52
CA ARG D 52 2.60 10.18 13.00
C ARG D 52 3.08 10.29 14.46
N ALA D 53 2.76 9.30 15.30
CA ALA D 53 3.20 9.42 16.68
C ALA D 53 4.72 9.26 16.75
N GLU D 54 5.30 8.30 16.02
CA GLU D 54 6.73 8.15 16.05
C GLU D 54 7.43 9.44 15.60
N ILE D 55 6.93 10.09 14.54
CA ILE D 55 7.54 11.30 14.00
C ILE D 55 7.39 12.50 14.96
N HIS D 56 6.19 12.70 15.50
CA HIS D 56 6.00 13.82 16.40
C HIS D 56 6.65 13.55 17.75
N ALA D 57 6.96 12.30 18.06
CA ALA D 57 7.65 12.02 19.30
C ALA D 57 9.08 12.62 19.09
N ALA D 58 9.66 12.40 17.91
CA ALA D 58 10.97 12.96 17.61
C ALA D 58 10.87 14.48 17.64
N CYS D 59 9.82 15.00 17.03
CA CYS D 59 9.65 16.42 17.00
C CYS D 59 9.65 16.97 18.40
N LYS D 60 8.85 16.36 19.26
CA LYS D 60 8.75 16.79 20.63
C LYS D 60 10.10 16.84 21.34
N ALA D 61 10.87 15.77 21.19
CA ALA D 61 12.17 15.73 21.83
C ALA D 61 13.07 16.87 21.35
N ILE D 62 13.03 17.19 20.06
CA ILE D 62 13.90 18.24 19.58
C ILE D 62 13.52 19.63 20.10
N GLU D 63 12.24 19.86 20.31
CA GLU D 63 11.81 21.13 20.85
C GLU D 63 12.41 21.22 22.26
N GLN D 64 12.29 20.12 23.00
CA GLN D 64 12.83 20.12 24.35
C GLN D 64 14.33 20.34 24.37
N ALA D 65 15.06 19.76 23.41
CA ALA D 65 16.52 19.93 23.41
C ALA D 65 16.86 21.40 23.28
N LYS D 66 16.08 22.09 22.46
CA LYS D 66 16.33 23.48 22.21
C LYS D 66 16.02 24.31 23.43
N THR D 67 15.08 23.81 24.23
CA THR D 67 14.69 24.48 25.44
C THR D 67 15.85 24.44 26.39
N GLN D 68 16.70 23.42 26.25
CA GLN D 68 17.90 23.26 27.07
C GLN D 68 19.20 23.77 26.42
N ASN D 69 19.08 24.52 25.33
CA ASN D 69 20.21 25.03 24.57
C ASN D 69 21.16 23.92 24.14
N ILE D 70 20.58 22.81 23.68
CA ILE D 70 21.34 21.67 23.23
C ILE D 70 21.36 21.69 21.72
N ASN D 71 22.52 21.49 21.10
CA ASN D 71 22.52 21.44 19.64
C ASN D 71 23.17 20.19 19.09
N LYS D 72 23.78 19.40 19.97
CA LYS D 72 24.33 18.11 19.59
C LYS D 72 23.50 17.05 20.32
N LEU D 73 22.61 16.41 19.57
CA LEU D 73 21.67 15.42 20.08
C LEU D 73 21.78 14.03 19.42
N VAL D 74 21.70 12.98 20.25
CA VAL D 74 21.72 11.59 19.80
C VAL D 74 20.29 11.17 20.11
N LEU D 75 19.59 10.73 19.06
CA LEU D 75 18.19 10.37 19.18
C LEU D 75 17.97 8.90 18.93
N TYR D 76 17.40 8.22 19.93
CA TYR D 76 17.11 6.80 19.85
C TYR D 76 15.62 6.58 19.61
N THR D 77 15.27 5.79 18.60
CA THR D 77 13.85 5.50 18.37
C THR D 77 13.78 4.19 17.65
N ASN D 78 12.66 3.47 17.76
CA ASN D 78 12.59 2.23 17.01
C ASN D 78 11.89 2.48 15.67
N SER D 79 11.55 3.74 15.37
CA SER D 79 10.88 4.07 14.11
C SER D 79 11.83 4.31 12.94
N PHE D 81 11.07 4.25 10.01
CA PHE D 81 10.39 5.04 9.03
C PHE D 81 10.77 6.52 9.25
N THR D 82 10.79 6.92 10.51
CA THR D 82 11.12 8.31 10.85
C THR D 82 12.58 8.56 10.49
N ILE D 83 13.44 7.63 10.89
CA ILE D 83 14.84 7.77 10.63
C ILE D 83 15.07 7.86 9.13
N ASN D 84 14.42 7.02 8.35
CA ASN D 84 14.65 7.06 6.92
C ASN D 84 14.12 8.31 6.22
N GLY D 85 12.95 8.77 6.63
CA GLY D 85 12.39 9.98 6.05
C GLY D 85 13.30 11.19 6.34
N ILE D 86 13.72 11.35 7.59
CA ILE D 86 14.52 12.51 7.92
C ILE D 86 16.01 12.47 7.55
N THR D 87 16.61 11.29 7.52
CA THR D 87 18.03 11.28 7.21
C THR D 87 18.28 11.08 5.72
N ASN D 88 17.25 10.64 5.00
CA ASN D 88 17.51 10.49 3.59
C ASN D 88 16.42 10.50 2.53
N TRP D 89 15.14 10.47 2.91
CA TRP D 89 14.09 10.49 1.86
C TRP D 89 13.62 11.89 1.55
N VAL D 90 13.62 12.76 2.55
CA VAL D 90 13.19 14.12 2.37
C VAL D 90 14.04 14.83 1.34
N GLN D 91 15.27 14.36 1.10
CA GLN D 91 16.10 15.00 0.10
C GLN D 91 15.43 14.91 -1.26
N GLY D 92 14.95 13.71 -1.61
CA GLY D 92 14.28 13.47 -2.88
C GLY D 92 12.86 14.04 -2.95
N TRP D 93 12.11 14.00 -1.86
CA TRP D 93 10.76 14.54 -1.90
C TRP D 93 10.71 16.02 -2.14
N LYS D 94 11.67 16.75 -1.59
CA LYS D 94 11.70 18.18 -1.82
C LYS D 94 12.14 18.46 -3.27
N LYS D 95 12.66 17.43 -3.95
CA LYS D 95 13.13 17.52 -5.33
C LYS D 95 12.08 17.10 -6.36
N ASN D 96 11.28 16.08 -6.01
CA ASN D 96 10.28 15.57 -6.92
C ASN D 96 8.84 15.96 -6.58
N GLY D 97 8.65 17.04 -5.85
CA GLY D 97 7.29 17.42 -5.54
C GLY D 97 6.54 16.54 -4.55
N TRP D 98 7.30 15.87 -3.70
CA TRP D 98 6.77 15.00 -2.66
C TRP D 98 5.93 13.84 -3.21
N LYS D 99 6.61 13.11 -4.09
CA LYS D 99 6.02 11.96 -4.69
C LYS D 99 6.76 10.73 -4.20
N THR D 100 5.97 9.70 -3.97
CA THR D 100 6.36 8.37 -3.51
C THR D 100 7.02 7.59 -4.66
N SER D 101 7.63 6.45 -4.41
CA SER D 101 8.25 5.75 -5.55
C SER D 101 7.19 5.26 -6.59
N ALA D 102 5.96 5.13 -6.11
CA ALA D 102 4.84 4.68 -6.92
C ALA D 102 4.18 5.90 -7.59
N GLY D 103 4.87 7.04 -7.60
CA GLY D 103 4.31 8.23 -8.20
C GLY D 103 3.16 8.88 -7.42
N LYS D 104 2.91 8.45 -6.19
CA LYS D 104 1.85 9.06 -5.42
C LYS D 104 2.39 10.08 -4.43
N GLU D 105 1.48 10.77 -3.77
CA GLU D 105 1.85 11.79 -2.82
C GLU D 105 2.27 11.23 -1.46
N VAL D 106 3.34 11.82 -0.91
CA VAL D 106 3.87 11.47 0.40
C VAL D 106 2.84 11.82 1.46
N ILE D 107 2.31 10.78 2.08
CA ILE D 107 1.27 10.90 3.09
C ILE D 107 1.63 11.70 4.32
N ASN D 108 2.81 11.46 4.87
CA ASN D 108 3.20 12.19 6.06
C ASN D 108 3.98 13.48 5.75
N LYS D 109 3.83 14.00 4.52
CA LYS D 109 4.51 15.23 4.14
C LYS D 109 4.58 16.34 5.22
N GLU D 110 3.40 16.72 5.77
CA GLU D 110 3.26 17.74 6.80
C GLU D 110 4.20 17.45 7.96
N ASP D 111 4.18 16.18 8.38
CA ASP D 111 4.96 15.75 9.53
C ASP D 111 6.45 15.82 9.27
N PHE D 112 6.89 15.39 8.10
CA PHE D 112 8.30 15.46 7.84
C PHE D 112 8.77 16.88 7.64
N VAL D 113 7.89 17.74 7.15
CA VAL D 113 8.30 19.11 6.94
C VAL D 113 8.47 19.76 8.33
N ALA D 114 7.62 19.40 9.27
CA ALA D 114 7.76 19.98 10.59
C ALA D 114 9.01 19.39 11.23
N LEU D 115 9.24 18.09 11.05
CA LEU D 115 10.43 17.54 11.68
C LEU D 115 11.68 18.17 11.07
N GLU D 116 11.71 18.32 9.75
CA GLU D 116 12.87 18.92 9.09
C GLU D 116 13.15 20.33 9.56
N ARG D 117 12.11 21.12 9.77
CA ARG D 117 12.18 22.48 10.27
C ARG D 117 12.87 22.56 11.68
N LEU D 118 12.51 21.62 12.54
CA LEU D 118 13.05 21.53 13.89
C LEU D 118 14.54 21.13 13.89
N THR D 119 14.97 20.42 12.87
CA THR D 119 16.34 19.98 12.82
C THR D 119 17.33 21.05 12.30
N GLN D 120 16.82 22.20 11.79
CA GLN D 120 17.75 23.25 11.31
C GLN D 120 18.60 23.69 12.53
N GLY D 121 19.92 23.64 12.36
CA GLY D 121 20.82 24.04 13.45
C GLY D 121 21.01 22.97 14.52
N ASP D 123 22.70 19.20 15.31
CA ASP D 123 23.55 18.16 14.85
C ASP D 123 22.92 16.95 15.55
N ILE D 124 22.12 16.21 14.81
CA ILE D 124 21.50 15.03 15.36
C ILE D 124 21.88 13.67 14.73
N GLN D 125 22.28 12.76 15.63
CA GLN D 125 22.61 11.37 15.31
C GLN D 125 21.34 10.56 15.55
N TRP D 126 20.81 9.95 14.49
CA TRP D 126 19.62 9.13 14.60
C TRP D 126 20.01 7.67 14.79
N HIS D 128 18.78 3.80 15.54
CA HIS D 128 17.67 2.92 15.55
C HIS D 128 17.80 1.91 16.69
N VAL D 129 16.81 1.83 17.57
CA VAL D 129 16.88 0.83 18.62
C VAL D 129 16.05 -0.36 18.07
N PRO D 130 16.74 -1.47 17.75
CA PRO D 130 16.26 -2.73 17.20
C PRO D 130 15.19 -3.49 17.93
N GLY D 131 14.74 -4.57 17.29
CA GLY D 131 13.70 -5.43 17.80
C GLY D 131 13.60 -5.27 19.29
N HIS D 132 14.40 -6.05 20.01
CA HIS D 132 14.42 -5.91 21.45
C HIS D 132 15.79 -6.11 22.01
N SER D 133 16.12 -5.13 22.83
CA SER D 133 17.38 -5.00 23.52
C SER D 133 17.02 -4.57 24.93
N GLY D 134 18.05 -4.35 25.75
CA GLY D 134 17.79 -3.89 27.09
C GLY D 134 17.34 -2.45 26.84
N PHE D 135 18.23 -1.50 27.11
CA PHE D 135 17.89 -0.11 26.87
C PHE D 135 16.66 0.24 27.68
N ILE D 136 16.81 0.44 28.98
CA ILE D 136 15.63 0.83 29.75
C ILE D 136 15.11 2.15 29.14
N GLY D 137 16.00 2.84 28.42
CA GLY D 137 15.61 4.09 27.78
C GLY D 137 14.39 3.93 26.88
N ASN D 138 14.50 2.96 25.97
CA ASN D 138 13.43 2.68 25.04
C ASN D 138 12.17 2.21 25.76
N GLU D 139 12.33 1.39 26.78
CA GLU D 139 11.16 0.90 27.53
C GLU D 139 10.45 2.04 28.22
N GLU D 140 11.24 2.94 28.79
CA GLU D 140 10.70 4.09 29.47
C GLU D 140 9.94 4.94 28.49
N ALA D 141 10.59 5.24 27.37
CA ALA D 141 9.93 6.05 26.38
C ALA D 141 8.63 5.38 26.00
N ASP D 142 8.67 4.05 25.84
CA ASP D 142 7.45 3.32 25.49
C ASP D 142 6.39 3.54 26.57
N ARG D 143 6.80 3.30 27.82
CA ARG D 143 5.84 3.51 28.91
C ARG D 143 5.23 4.90 28.82
N LEU D 144 6.04 5.90 28.50
CA LEU D 144 5.54 7.26 28.42
C LEU D 144 4.52 7.41 27.35
N ALA D 145 4.77 6.83 26.19
CA ALA D 145 3.82 6.97 25.11
C ALA D 145 2.47 6.35 25.46
N ARG D 146 2.46 5.11 25.96
CA ARG D 146 1.18 4.46 26.29
C ARG D 146 0.40 5.22 27.34
N GLU D 147 1.12 5.99 28.17
CA GLU D 147 0.49 6.79 29.20
C GLU D 147 -0.17 8.01 28.55
N GLY D 148 0.51 8.63 27.61
CA GLY D 148 -0.06 9.78 26.95
C GLY D 148 -1.12 9.34 25.97
N ALA D 149 -1.18 8.04 25.72
CA ALA D 149 -2.15 7.49 24.80
C ALA D 149 -3.57 7.80 25.22
N LYS D 150 -3.81 8.11 26.48
CA LYS D 150 -5.18 8.41 26.87
C LYS D 150 -5.39 9.76 27.52
N GLN D 151 -5.83 10.75 26.73
CA GLN D 151 -6.09 12.08 27.28
C GLN D 151 -6.53 13.18 26.32
N SER D 152 -7.18 12.80 25.22
CA SER D 152 -7.70 13.75 24.24
C SER D 152 -6.75 14.85 23.77
#